data_2XSI
#
_entry.id   2XSI
#
_cell.length_a   189.260
_cell.length_b   38.950
_cell.length_c   95.390
_cell.angle_alpha   90.00
_cell.angle_beta   105.46
_cell.angle_gamma   90.00
#
_symmetry.space_group_name_H-M   'C 1 2 1'
#
loop_
_entity.id
_entity.type
_entity.pdbx_description
1 polymer 'SERUM ALBUMIN'
2 non-polymer 'MYRISTIC ACID'
3 non-polymer DANSYL-L-GLUTAMATE
4 water water
#
_entity_poly.entity_id   1
_entity_poly.type   'polypeptide(L)'
_entity_poly.pdbx_seq_one_letter_code
;DAHKSEVAHRFKDLGEENFKALVLIAFAQYLQQCPFEDHVKLVNEVTEFAKTCVADESAENCDKSLHTLFGDKLCTVATL
RETYGEMADCCAKQEPERNECFLQHKDDNPNLPRLVRPEVDVMCTAFHDNEETFLKKYLYEIARRHPYFYAPELLFFAKR
YKAAFTECCQAADKAACLLPKLDELRDEGKASSAKQRLKCASLQKFGERAFKAWAVARLSQRFPKAEFAEVSKLVTDLTK
VHTECCHGDLLECADDRADLAKYICENQDSISSKLKECCEKPLLEKSHCIAEVENDEMPADLPSLAADFVESKDVCKNYA
EAKDVFLGMFLYEYARRHPDYSVVLLLRLAKTYETTLEKCCAAADPHECYAKVFDEFKPLVEEPQNLIKQNCELFEQLGE
YKFQNALLVRYTKKVPQVSTPTLVEVSRNLGKVGSKCCKHPEAKRMPCAEDYLSVVLNQLCVLHEKTPVSDRVTKCCTES
LVNRRPCFSALEVDETYVPKEFNAETFTFHADICTLSEKEEQIKKQTALVELVKHKPKATKEQLKAVMDDFAAFVEKCCK
ADDKETCFAEEGKKLVAASQAALGL
;
_entity_poly.pdbx_strand_id   A
#
loop_
_chem_comp.id
_chem_comp.type
_chem_comp.name
_chem_comp.formula
MYR non-polymer 'MYRISTIC ACID' 'C14 H28 O2'
#
# COMPACT_ATOMS: atom_id res chain seq x y z
N HIS A 3 15.15 -8.66 -31.65
CA HIS A 3 15.51 -9.79 -32.55
C HIS A 3 16.93 -10.28 -32.28
N LYS A 4 17.87 -9.86 -33.12
CA LYS A 4 19.26 -10.27 -32.95
C LYS A 4 19.94 -9.38 -31.91
N SER A 5 19.23 -8.36 -31.44
CA SER A 5 19.81 -7.45 -30.43
C SER A 5 18.76 -6.96 -29.43
N GLU A 6 18.91 -7.40 -28.19
CA GLU A 6 17.97 -7.04 -27.14
C GLU A 6 17.95 -5.54 -26.86
N VAL A 7 19.12 -4.92 -26.73
CA VAL A 7 19.20 -3.48 -26.44
C VAL A 7 18.49 -2.70 -27.53
N ALA A 8 18.86 -3.00 -28.77
CA ALA A 8 18.30 -2.33 -29.93
C ALA A 8 16.79 -2.40 -29.86
N HIS A 9 16.31 -3.58 -29.54
CA HIS A 9 14.89 -3.84 -29.46
C HIS A 9 14.19 -3.01 -28.40
N ARG A 10 14.68 -3.08 -27.16
CA ARG A 10 14.10 -2.33 -26.05
C ARG A 10 14.14 -0.85 -26.33
N PHE A 11 15.23 -0.43 -26.97
CA PHE A 11 15.39 0.97 -27.31
C PHE A 11 14.27 1.37 -28.26
N LYS A 12 14.14 0.63 -29.36
CA LYS A 12 13.10 0.91 -30.33
C LYS A 12 11.71 0.90 -29.69
N ASP A 13 11.47 -0.03 -28.77
CA ASP A 13 10.18 -0.10 -28.10
C ASP A 13 9.97 1.09 -27.17
N LEU A 14 10.79 1.16 -26.13
CA LEU A 14 10.67 2.21 -25.13
C LEU A 14 10.72 3.63 -25.64
N GLY A 15 11.70 3.94 -26.49
CA GLY A 15 11.88 5.30 -26.96
C GLY A 15 13.09 5.82 -26.17
N GLU A 16 13.82 6.77 -26.74
CA GLU A 16 15.02 7.30 -26.09
C GLU A 16 14.78 7.82 -24.69
N GLU A 17 13.76 8.66 -24.56
CA GLU A 17 13.43 9.26 -23.28
C GLU A 17 13.19 8.24 -22.19
N ASN A 18 12.18 7.40 -22.38
CA ASN A 18 11.86 6.38 -21.39
C ASN A 18 13.07 5.51 -21.12
N PHE A 19 13.77 5.13 -22.18
CA PHE A 19 14.95 4.29 -22.06
C PHE A 19 15.96 4.86 -21.07
N LYS A 20 16.39 6.09 -21.31
CA LYS A 20 17.36 6.76 -20.45
C LYS A 20 16.87 6.90 -19.03
N ALA A 21 15.55 7.02 -18.85
CA ALA A 21 15.00 7.17 -17.53
C ALA A 21 15.08 5.85 -16.77
N LEU A 22 14.76 4.76 -17.46
CA LEU A 22 14.79 3.46 -16.84
C LEU A 22 16.20 3.03 -16.55
N VAL A 23 17.13 3.26 -17.48
CA VAL A 23 18.52 2.88 -17.23
C VAL A 23 18.98 3.60 -15.97
N LEU A 24 18.64 4.88 -15.89
CA LEU A 24 19.01 5.64 -14.72
C LEU A 24 18.48 4.97 -13.45
N ILE A 25 17.16 4.69 -13.42
CA ILE A 25 16.54 4.08 -12.25
C ILE A 25 17.17 2.74 -11.93
N ALA A 26 17.38 1.91 -12.94
CA ALA A 26 17.96 0.60 -12.75
C ALA A 26 19.29 0.71 -12.04
N PHE A 27 20.18 1.53 -12.57
CA PHE A 27 21.49 1.71 -11.98
C PHE A 27 21.44 2.30 -10.58
N ALA A 28 20.49 3.21 -10.35
CA ALA A 28 20.38 3.81 -9.04
C ALA A 28 19.96 2.76 -8.01
N GLN A 29 19.26 1.72 -8.47
CA GLN A 29 18.82 0.70 -7.54
C GLN A 29 19.89 -0.30 -7.12
N TYR A 30 20.96 -0.41 -7.88
CA TYR A 30 22.06 -1.29 -7.52
C TYR A 30 23.20 -0.48 -6.91
N LEU A 31 23.75 0.47 -7.66
CA LEU A 31 24.82 1.30 -7.15
C LEU A 31 24.19 2.43 -6.35
N GLN A 32 23.50 2.06 -5.28
CA GLN A 32 22.82 3.03 -4.42
C GLN A 32 23.75 4.05 -3.79
N GLN A 33 25.03 3.73 -3.75
CA GLN A 33 26.00 4.63 -3.13
C GLN A 33 26.71 5.61 -4.06
N CYS A 34 26.77 5.32 -5.36
CA CYS A 34 27.45 6.24 -6.28
C CYS A 34 26.69 7.55 -6.45
N PRO A 35 27.43 8.65 -6.71
CA PRO A 35 26.83 9.98 -6.88
C PRO A 35 26.06 10.10 -8.20
N PHE A 36 25.15 11.07 -8.25
CA PHE A 36 24.33 11.29 -9.43
C PHE A 36 25.11 11.47 -10.73
N GLU A 37 26.16 12.28 -10.70
CA GLU A 37 26.96 12.50 -11.91
C GLU A 37 27.44 11.18 -12.49
N ASP A 38 27.89 10.29 -11.61
CA ASP A 38 28.39 8.99 -12.02
C ASP A 38 27.37 8.20 -12.81
N HIS A 39 26.13 8.18 -12.33
CA HIS A 39 25.07 7.45 -13.00
C HIS A 39 24.75 8.03 -14.38
N VAL A 40 24.60 9.35 -14.44
CA VAL A 40 24.29 10.02 -15.68
C VAL A 40 25.29 9.62 -16.76
N LYS A 41 26.55 9.48 -16.39
CA LYS A 41 27.56 9.10 -17.35
C LYS A 41 27.29 7.68 -17.85
N LEU A 42 26.94 6.79 -16.93
CA LEU A 42 26.62 5.41 -17.27
C LEU A 42 25.45 5.40 -18.26
N VAL A 43 24.40 6.13 -17.92
CA VAL A 43 23.25 6.22 -18.79
C VAL A 43 23.68 6.60 -20.20
N ASN A 44 24.42 7.69 -20.32
CA ASN A 44 24.88 8.15 -21.63
C ASN A 44 25.68 7.10 -22.38
N GLU A 45 26.60 6.43 -21.68
CA GLU A 45 27.42 5.38 -22.31
C GLU A 45 26.53 4.24 -22.79
N VAL A 46 25.57 3.84 -21.96
CA VAL A 46 24.67 2.74 -22.33
C VAL A 46 23.78 3.17 -23.49
N THR A 47 23.21 4.37 -23.37
CA THR A 47 22.33 4.91 -24.40
C THR A 47 23.07 5.00 -25.73
N GLU A 48 24.28 5.56 -25.70
CA GLU A 48 25.07 5.66 -26.91
C GLU A 48 25.22 4.28 -27.51
N PHE A 49 25.60 3.32 -26.68
CA PHE A 49 25.78 1.95 -27.12
C PHE A 49 24.51 1.51 -27.84
N ALA A 50 23.36 1.75 -27.19
CA ALA A 50 22.05 1.37 -27.73
C ALA A 50 21.87 1.85 -29.17
N LYS A 51 22.15 3.12 -29.42
CA LYS A 51 22.01 3.67 -30.77
C LYS A 51 22.95 2.95 -31.74
N THR A 52 24.14 2.60 -31.25
CA THR A 52 25.08 1.88 -32.10
C THR A 52 24.42 0.62 -32.61
N CYS A 53 23.71 -0.07 -31.73
CA CYS A 53 23.02 -1.30 -32.11
C CYS A 53 21.75 -1.08 -32.92
N VAL A 54 21.11 0.08 -32.77
CA VAL A 54 19.92 0.34 -33.54
C VAL A 54 20.33 0.52 -34.99
N ALA A 55 21.48 1.15 -35.22
CA ALA A 55 21.99 1.41 -36.55
C ALA A 55 22.46 0.15 -37.25
N ASP A 56 23.10 -0.73 -36.49
CA ASP A 56 23.62 -1.98 -37.03
C ASP A 56 23.49 -3.11 -36.00
N GLU A 57 22.37 -3.82 -36.07
CA GLU A 57 22.08 -4.92 -35.15
C GLU A 57 23.26 -5.89 -34.98
N SER A 58 24.20 -5.87 -35.92
CA SER A 58 25.35 -6.78 -35.86
C SER A 58 26.65 -6.21 -35.32
N ALA A 59 26.61 -4.96 -34.85
CA ALA A 59 27.81 -4.33 -34.30
C ALA A 59 28.25 -5.00 -33.00
N GLU A 60 29.50 -4.76 -32.62
CA GLU A 60 30.07 -5.33 -31.41
C GLU A 60 29.13 -5.40 -30.21
N ASN A 61 29.20 -6.53 -29.51
CA ASN A 61 28.44 -6.78 -28.30
C ASN A 61 26.93 -6.60 -28.36
N CYS A 62 26.43 -6.14 -29.49
CA CYS A 62 25.00 -5.90 -29.64
C CYS A 62 24.16 -7.14 -29.47
N ASP A 63 24.79 -8.31 -29.58
CA ASP A 63 24.05 -9.56 -29.45
C ASP A 63 24.03 -10.05 -28.01
N LYS A 64 24.78 -9.37 -27.14
CA LYS A 64 24.81 -9.78 -25.75
C LYS A 64 23.47 -9.45 -25.10
N SER A 65 23.13 -10.23 -24.07
CA SER A 65 21.89 -10.09 -23.34
C SER A 65 21.93 -8.89 -22.39
N LEU A 66 20.77 -8.32 -22.10
CA LEU A 66 20.70 -7.19 -21.18
C LEU A 66 21.36 -7.54 -19.85
N HIS A 67 21.09 -8.73 -19.33
CA HIS A 67 21.69 -9.16 -18.06
C HIS A 67 23.22 -9.09 -18.12
N THR A 68 23.81 -9.60 -19.20
CA THR A 68 25.25 -9.57 -19.33
C THR A 68 25.74 -8.13 -19.53
N LEU A 69 25.12 -7.41 -20.46
CA LEU A 69 25.52 -6.04 -20.70
C LEU A 69 25.46 -5.26 -19.41
N PHE A 70 24.33 -5.34 -18.73
CA PHE A 70 24.14 -4.64 -17.45
C PHE A 70 25.17 -5.07 -16.43
N GLY A 71 25.39 -6.37 -16.35
CA GLY A 71 26.36 -6.91 -15.42
C GLY A 71 27.75 -6.35 -15.66
N ASP A 72 28.19 -6.36 -16.91
CA ASP A 72 29.52 -5.85 -17.24
C ASP A 72 29.70 -4.37 -16.88
N LYS A 73 28.73 -3.56 -17.25
CA LYS A 73 28.82 -2.14 -16.97
C LYS A 73 28.92 -1.92 -15.48
N LEU A 74 28.17 -2.72 -14.74
CA LEU A 74 28.14 -2.63 -13.29
C LEU A 74 29.53 -2.89 -12.71
N CYS A 75 30.20 -3.91 -13.25
CA CYS A 75 31.53 -4.29 -12.78
C CYS A 75 32.61 -3.33 -13.24
N THR A 76 32.21 -2.41 -14.10
CA THR A 76 33.11 -1.41 -14.64
C THR A 76 33.48 -0.39 -13.59
N VAL A 77 32.55 -0.09 -12.70
CA VAL A 77 32.76 0.86 -11.62
C VAL A 77 34.03 0.47 -10.84
N ALA A 78 35.04 1.35 -10.88
CA ALA A 78 36.33 1.10 -10.21
C ALA A 78 36.29 1.02 -8.69
N THR A 79 35.65 2.00 -8.05
CA THR A 79 35.57 2.02 -6.60
C THR A 79 34.57 0.95 -6.10
N LEU A 80 34.17 0.06 -7.00
CA LEU A 80 33.22 -1.00 -6.66
C LEU A 80 33.56 -1.69 -5.34
N ARG A 81 34.68 -2.39 -5.30
CA ARG A 81 35.12 -3.09 -4.08
C ARG A 81 35.35 -2.15 -2.90
N GLU A 82 35.83 -0.94 -3.17
CA GLU A 82 36.07 0.02 -2.10
C GLU A 82 34.73 0.45 -1.48
N THR A 83 33.81 0.89 -2.33
CA THR A 83 32.49 1.37 -1.92
C THR A 83 31.52 0.28 -1.44
N TYR A 84 31.36 -0.75 -2.26
CA TYR A 84 30.43 -1.82 -1.94
C TYR A 84 31.07 -3.09 -1.37
N GLY A 85 32.39 -3.16 -1.43
CA GLY A 85 33.10 -4.30 -0.89
C GLY A 85 32.67 -5.69 -1.35
N GLU A 86 31.91 -6.37 -0.51
CA GLU A 86 31.46 -7.72 -0.80
C GLU A 86 30.75 -7.81 -2.14
N MET A 87 30.00 -6.77 -2.50
CA MET A 87 29.30 -6.78 -3.77
C MET A 87 30.25 -6.93 -4.96
N ALA A 88 31.47 -6.41 -4.82
CA ALA A 88 32.43 -6.51 -5.90
C ALA A 88 32.79 -7.95 -6.18
N ASP A 89 32.62 -8.84 -5.21
CA ASP A 89 32.94 -10.25 -5.42
C ASP A 89 31.98 -10.85 -6.43
N CYS A 90 30.89 -10.15 -6.71
CA CYS A 90 29.90 -10.63 -7.67
C CYS A 90 30.47 -10.67 -9.08
N CYS A 91 31.45 -9.81 -9.35
CA CYS A 91 32.07 -9.70 -10.66
C CYS A 91 32.97 -10.87 -11.05
N ALA A 92 33.37 -11.69 -10.08
CA ALA A 92 34.22 -12.84 -10.37
C ALA A 92 33.36 -13.95 -10.96
N LYS A 93 32.11 -14.01 -10.53
CA LYS A 93 31.19 -15.03 -10.99
C LYS A 93 30.65 -14.78 -12.39
N GLN A 94 30.27 -15.85 -13.07
CA GLN A 94 29.73 -15.71 -14.41
C GLN A 94 28.22 -15.67 -14.34
N GLU A 95 27.59 -15.14 -15.38
CA GLU A 95 26.14 -15.06 -15.40
C GLU A 95 25.64 -16.50 -15.43
N PRO A 96 24.49 -16.78 -14.82
CA PRO A 96 23.59 -15.88 -14.09
C PRO A 96 23.92 -15.68 -12.60
N GLU A 97 24.92 -16.40 -12.11
CA GLU A 97 25.28 -16.26 -10.70
C GLU A 97 25.61 -14.79 -10.43
N ARG A 98 26.26 -14.13 -11.39
CA ARG A 98 26.60 -12.73 -11.23
C ARG A 98 25.37 -11.87 -10.95
N ASN A 99 24.36 -12.02 -11.80
CA ASN A 99 23.13 -11.25 -11.65
C ASN A 99 22.46 -11.60 -10.32
N GLU A 100 22.40 -12.90 -10.04
CA GLU A 100 21.80 -13.39 -8.82
C GLU A 100 22.51 -12.78 -7.60
N CYS A 101 23.84 -12.82 -7.66
CA CYS A 101 24.71 -12.28 -6.61
C CYS A 101 24.39 -10.82 -6.33
N PHE A 102 24.07 -10.06 -7.37
CA PHE A 102 23.73 -8.65 -7.20
C PHE A 102 22.42 -8.47 -6.44
N LEU A 103 21.37 -9.17 -6.84
CA LEU A 103 20.10 -9.03 -6.15
C LEU A 103 20.31 -9.19 -4.64
N GLN A 104 21.12 -10.17 -4.25
CA GLN A 104 21.38 -10.44 -2.84
C GLN A 104 22.05 -9.31 -2.08
N HIS A 105 22.61 -8.35 -2.78
CA HIS A 105 23.29 -7.26 -2.11
C HIS A 105 22.60 -5.94 -2.39
N LYS A 106 21.33 -6.03 -2.73
CA LYS A 106 20.53 -4.85 -3.02
C LYS A 106 19.89 -4.47 -1.69
N ASP A 107 20.65 -3.78 -0.85
CA ASP A 107 20.15 -3.36 0.45
C ASP A 107 18.76 -2.70 0.35
N ASP A 108 17.74 -3.44 0.79
CA ASP A 108 16.34 -2.97 0.75
C ASP A 108 16.06 -1.73 1.58
N ASN A 109 17.03 -1.32 2.39
CA ASN A 109 16.89 -0.12 3.22
C ASN A 109 18.24 0.37 3.68
N PRO A 110 18.88 1.22 2.86
CA PRO A 110 20.19 1.79 3.18
C PRO A 110 20.08 2.86 4.26
N ASN A 111 21.22 3.43 4.65
CA ASN A 111 21.23 4.46 5.67
C ASN A 111 21.44 5.82 5.02
N LEU A 112 20.43 6.26 4.28
CA LEU A 112 20.50 7.55 3.61
C LEU A 112 19.68 8.53 4.40
N PRO A 113 20.02 9.82 4.31
CA PRO A 113 19.31 10.89 5.02
C PRO A 113 17.91 11.00 4.47
N ARG A 114 16.96 11.35 5.32
CA ARG A 114 15.57 11.52 4.85
C ARG A 114 15.62 12.61 3.79
N LEU A 115 14.90 12.39 2.70
CA LEU A 115 14.86 13.37 1.63
C LEU A 115 14.01 14.57 2.08
N VAL A 116 14.59 15.75 2.12
CA VAL A 116 13.83 16.93 2.55
C VAL A 116 13.16 17.66 1.40
N ARG A 117 11.96 18.17 1.65
CA ARG A 117 11.21 18.87 0.64
C ARG A 117 11.65 20.34 0.65
N PRO A 118 12.24 20.82 -0.45
CA PRO A 118 12.68 22.22 -0.50
C PRO A 118 11.47 23.14 -0.48
N GLU A 119 11.73 24.45 -0.57
CA GLU A 119 10.66 25.43 -0.58
C GLU A 119 10.13 25.55 -2.00
N VAL A 120 8.83 25.71 -2.12
CA VAL A 120 8.17 25.80 -3.42
C VAL A 120 8.89 26.68 -4.42
N ASP A 121 9.31 27.87 -3.99
CA ASP A 121 10.02 28.79 -4.87
C ASP A 121 11.34 28.20 -5.34
N VAL A 122 12.12 27.68 -4.41
CA VAL A 122 13.41 27.10 -4.78
C VAL A 122 13.16 25.93 -5.74
N MET A 123 12.13 25.13 -5.49
CA MET A 123 11.82 24.00 -6.37
C MET A 123 11.39 24.46 -7.76
N CYS A 124 10.49 25.42 -7.81
CA CYS A 124 10.00 25.94 -9.08
C CYS A 124 11.10 26.57 -9.89
N THR A 125 12.00 27.29 -9.23
CA THR A 125 13.11 27.91 -9.95
C THR A 125 14.07 26.86 -10.49
N ALA A 126 14.30 25.82 -9.69
CA ALA A 126 15.19 24.74 -10.07
C ALA A 126 14.54 24.06 -11.26
N PHE A 127 13.26 23.78 -11.10
CA PHE A 127 12.48 23.13 -12.13
C PHE A 127 12.61 23.90 -13.42
N HIS A 128 12.14 25.12 -13.40
CA HIS A 128 12.18 25.99 -14.57
C HIS A 128 13.56 26.12 -15.22
N ASP A 129 14.60 26.31 -14.41
CA ASP A 129 15.96 26.48 -14.91
C ASP A 129 16.54 25.30 -15.65
N ASN A 130 16.38 24.12 -15.09
CA ASN A 130 16.94 22.93 -15.72
C ASN A 130 15.98 21.77 -15.47
N GLU A 131 14.81 21.83 -16.12
CA GLU A 131 13.78 20.82 -15.94
C GLU A 131 14.27 19.37 -15.94
N GLU A 132 15.06 19.01 -16.93
CA GLU A 132 15.55 17.63 -17.02
C GLU A 132 16.33 17.17 -15.80
N THR A 133 17.45 17.81 -15.49
CA THR A 133 18.25 17.37 -14.35
C THR A 133 17.52 17.53 -13.02
N PHE A 134 16.55 18.43 -12.96
CA PHE A 134 15.82 18.59 -11.72
C PHE A 134 15.02 17.30 -11.42
N LEU A 135 14.30 16.80 -12.41
CA LEU A 135 13.53 15.59 -12.23
C LEU A 135 14.39 14.33 -12.16
N LYS A 136 15.40 14.22 -13.03
CA LYS A 136 16.25 13.02 -13.02
C LYS A 136 16.92 12.91 -11.66
N LYS A 137 17.45 14.03 -11.20
CA LYS A 137 18.14 14.07 -9.92
C LYS A 137 17.26 13.49 -8.82
N TYR A 138 15.99 13.85 -8.81
CA TYR A 138 15.13 13.31 -7.76
C TYR A 138 14.76 11.86 -8.05
N LEU A 139 14.63 11.53 -9.33
CA LEU A 139 14.30 10.16 -9.70
C LEU A 139 15.38 9.29 -9.06
N TYR A 140 16.61 9.75 -9.20
CA TYR A 140 17.77 9.08 -8.65
C TYR A 140 17.65 8.92 -7.13
N GLU A 141 17.34 10.01 -6.44
CA GLU A 141 17.22 10.00 -4.97
C GLU A 141 16.16 9.01 -4.46
N ILE A 142 15.04 8.92 -5.18
CA ILE A 142 13.98 8.02 -4.78
C ILE A 142 14.35 6.58 -5.13
N ALA A 143 14.81 6.37 -6.36
CA ALA A 143 15.17 5.03 -6.79
C ALA A 143 16.17 4.35 -5.86
N ARG A 144 17.25 5.04 -5.51
CA ARG A 144 18.27 4.46 -4.63
C ARG A 144 17.75 4.14 -3.22
N ARG A 145 16.75 4.89 -2.76
CA ARG A 145 16.17 4.65 -1.44
C ARG A 145 15.11 3.53 -1.49
N HIS A 146 14.66 3.20 -2.69
CA HIS A 146 13.64 2.17 -2.86
C HIS A 146 14.04 1.23 -3.98
N PRO A 147 15.04 0.39 -3.71
CA PRO A 147 15.58 -0.58 -4.66
C PRO A 147 14.60 -1.57 -5.26
N TYR A 148 13.45 -1.75 -4.63
CA TYR A 148 12.48 -2.72 -5.12
C TYR A 148 11.26 -2.14 -5.78
N PHE A 149 11.14 -0.81 -5.73
CA PHE A 149 10.02 -0.16 -6.36
C PHE A 149 10.14 -0.44 -7.85
N TYR A 150 9.11 -1.03 -8.43
CA TYR A 150 9.14 -1.34 -9.84
C TYR A 150 9.51 -0.10 -10.66
N ALA A 151 10.65 -0.17 -11.35
CA ALA A 151 11.13 0.96 -12.14
C ALA A 151 10.06 1.71 -12.93
N PRO A 152 9.38 1.03 -13.88
CA PRO A 152 8.36 1.71 -14.69
C PRO A 152 7.30 2.46 -13.91
N GLU A 153 6.98 1.99 -12.72
CA GLU A 153 5.94 2.66 -11.96
C GLU A 153 6.52 3.95 -11.44
N LEU A 154 7.82 3.88 -11.16
CA LEU A 154 8.56 5.02 -10.67
C LEU A 154 8.55 6.07 -11.76
N LEU A 155 8.79 5.64 -12.99
CA LEU A 155 8.80 6.54 -14.12
C LEU A 155 7.41 7.17 -14.28
N PHE A 156 6.38 6.35 -14.09
CA PHE A 156 5.01 6.81 -14.19
C PHE A 156 4.79 7.96 -13.20
N PHE A 157 5.32 7.80 -12.00
CA PHE A 157 5.18 8.82 -10.98
C PHE A 157 5.92 10.10 -11.36
N ALA A 158 7.14 9.96 -11.87
CA ALA A 158 7.93 11.11 -12.26
C ALA A 158 7.12 12.02 -13.15
N LYS A 159 6.48 11.45 -14.16
CA LYS A 159 5.67 12.26 -15.07
C LYS A 159 4.53 13.01 -14.37
N ARG A 160 3.86 12.36 -13.41
CA ARG A 160 2.78 13.03 -12.68
C ARG A 160 3.38 14.22 -11.96
N TYR A 161 4.58 14.04 -11.42
CA TYR A 161 5.26 15.12 -10.73
C TYR A 161 5.56 16.26 -11.71
N LYS A 162 6.06 15.92 -12.89
CA LYS A 162 6.39 16.91 -13.88
C LYS A 162 5.19 17.76 -14.20
N ALA A 163 4.04 17.11 -14.33
CA ALA A 163 2.81 17.84 -14.64
C ALA A 163 2.52 18.83 -13.54
N ALA A 164 2.61 18.36 -12.29
CA ALA A 164 2.33 19.21 -11.15
C ALA A 164 3.18 20.46 -11.14
N PHE A 165 4.46 20.31 -11.43
CA PHE A 165 5.36 21.45 -11.45
C PHE A 165 5.03 22.37 -12.62
N THR A 166 4.74 21.80 -13.79
CA THR A 166 4.41 22.63 -14.94
C THR A 166 3.15 23.45 -14.68
N GLU A 167 2.15 22.83 -14.07
CA GLU A 167 0.89 23.52 -13.77
C GLU A 167 1.03 24.52 -12.64
N CYS A 168 1.53 24.04 -11.51
CA CYS A 168 1.67 24.86 -10.34
C CYS A 168 2.69 25.98 -10.33
N CYS A 169 3.86 25.78 -10.92
CA CYS A 169 4.85 26.84 -10.89
C CYS A 169 4.41 28.08 -11.67
N GLN A 170 3.35 27.96 -12.46
CA GLN A 170 2.82 29.08 -13.24
C GLN A 170 1.74 29.76 -12.41
N ALA A 171 1.02 28.94 -11.65
CA ALA A 171 -0.07 29.39 -10.81
C ALA A 171 0.20 30.68 -10.03
N ALA A 172 -0.88 31.39 -9.70
CA ALA A 172 -0.79 32.63 -8.94
C ALA A 172 -0.11 32.26 -7.63
N ASP A 173 -0.84 31.53 -6.80
CA ASP A 173 -0.28 31.07 -5.53
C ASP A 173 0.35 29.71 -5.82
N LYS A 174 1.64 29.70 -6.13
CA LYS A 174 2.34 28.47 -6.44
C LYS A 174 2.18 27.43 -5.33
N ALA A 175 2.42 27.83 -4.10
CA ALA A 175 2.32 26.93 -2.95
C ALA A 175 0.94 26.31 -2.77
N ALA A 176 -0.11 27.11 -2.94
CA ALA A 176 -1.48 26.60 -2.76
C ALA A 176 -1.84 25.55 -3.80
N CYS A 177 -1.10 25.53 -4.90
CA CYS A 177 -1.32 24.59 -6.00
C CYS A 177 -0.42 23.38 -5.87
N LEU A 178 0.86 23.64 -5.68
CA LEU A 178 1.86 22.59 -5.59
C LEU A 178 1.81 21.76 -4.32
N LEU A 179 1.95 22.41 -3.18
CA LEU A 179 1.95 21.71 -1.91
C LEU A 179 0.94 20.58 -1.85
N PRO A 180 -0.36 20.86 -1.99
CA PRO A 180 -1.32 19.75 -1.92
C PRO A 180 -1.01 18.60 -2.88
N LYS A 181 -0.59 18.89 -4.10
CA LYS A 181 -0.27 17.83 -5.05
C LYS A 181 0.91 16.98 -4.60
N LEU A 182 1.95 17.63 -4.09
CA LEU A 182 3.11 16.91 -3.63
C LEU A 182 2.69 15.96 -2.53
N ASP A 183 1.79 16.40 -1.66
CA ASP A 183 1.34 15.52 -0.57
C ASP A 183 0.54 14.32 -1.08
N GLU A 184 -0.31 14.55 -2.07
CA GLU A 184 -1.12 13.47 -2.64
C GLU A 184 -0.24 12.46 -3.40
N LEU A 185 0.89 12.92 -3.92
CA LEU A 185 1.79 12.04 -4.64
C LEU A 185 2.60 11.21 -3.66
N ARG A 186 3.02 11.85 -2.57
CA ARG A 186 3.79 11.14 -1.56
C ARG A 186 2.96 9.98 -1.01
N ASP A 187 1.81 10.30 -0.45
CA ASP A 187 0.95 9.27 0.11
C ASP A 187 0.74 8.15 -0.90
N GLU A 188 0.36 8.53 -2.11
CA GLU A 188 0.12 7.54 -3.14
C GLU A 188 1.37 6.69 -3.39
N GLY A 189 2.53 7.30 -3.22
CA GLY A 189 3.77 6.58 -3.42
C GLY A 189 4.04 5.65 -2.24
N LYS A 190 3.76 6.12 -1.03
CA LYS A 190 3.95 5.30 0.15
C LYS A 190 3.04 4.10 0.04
N ALA A 191 1.82 4.35 -0.42
CA ALA A 191 0.80 3.31 -0.57
C ALA A 191 1.21 2.24 -1.55
N SER A 192 1.75 2.64 -2.70
CA SER A 192 2.19 1.67 -3.69
C SER A 192 3.34 0.85 -3.13
N SER A 193 4.24 1.51 -2.43
CA SER A 193 5.38 0.85 -1.83
C SER A 193 4.90 -0.19 -0.83
N ALA A 194 4.08 0.23 0.12
CA ALA A 194 3.56 -0.68 1.15
C ALA A 194 2.79 -1.86 0.55
N LYS A 195 1.94 -1.60 -0.43
CA LYS A 195 1.17 -2.68 -1.05
C LYS A 195 2.11 -3.69 -1.69
N GLN A 196 3.15 -3.21 -2.35
CA GLN A 196 4.10 -4.10 -3.01
C GLN A 196 4.84 -5.02 -2.04
N ARG A 197 5.38 -4.43 -0.98
CA ARG A 197 6.10 -5.20 0.02
C ARG A 197 5.12 -6.10 0.73
N LEU A 198 3.92 -5.59 0.95
CA LEU A 198 2.89 -6.39 1.59
C LEU A 198 2.68 -7.67 0.79
N LYS A 199 2.27 -7.53 -0.47
CA LYS A 199 2.03 -8.68 -1.33
C LYS A 199 3.17 -9.66 -1.32
N CYS A 200 4.38 -9.16 -1.53
CA CYS A 200 5.55 -10.05 -1.54
C CYS A 200 5.74 -10.77 -0.23
N ALA A 201 5.46 -10.07 0.87
CA ALA A 201 5.58 -10.64 2.21
C ALA A 201 4.59 -11.80 2.33
N SER A 202 3.36 -11.52 1.90
CA SER A 202 2.29 -12.50 1.92
C SER A 202 2.72 -13.73 1.18
N LEU A 203 3.12 -13.56 -0.07
CA LEU A 203 3.54 -14.68 -0.89
C LEU A 203 4.62 -15.49 -0.18
N GLN A 204 5.39 -14.84 0.68
CA GLN A 204 6.48 -15.48 1.41
C GLN A 204 6.04 -16.39 2.54
N LYS A 205 5.39 -15.81 3.55
CA LYS A 205 4.90 -16.58 4.69
C LYS A 205 3.81 -17.59 4.29
N PHE A 206 2.71 -17.04 3.79
CA PHE A 206 1.53 -17.82 3.43
C PHE A 206 1.58 -18.72 2.23
N GLY A 207 2.59 -18.58 1.38
CA GLY A 207 2.67 -19.48 0.23
C GLY A 207 1.76 -19.22 -0.95
N GLU A 208 2.08 -19.91 -2.03
CA GLU A 208 1.35 -19.77 -3.28
C GLU A 208 -0.16 -19.95 -3.24
N ARG A 209 -0.64 -21.06 -2.70
CA ARG A 209 -2.07 -21.32 -2.64
C ARG A 209 -2.85 -20.10 -2.19
N ALA A 210 -2.56 -19.62 -0.98
CA ALA A 210 -3.25 -18.46 -0.46
C ALA A 210 -3.19 -17.27 -1.41
N PHE A 211 -2.09 -17.15 -2.15
CA PHE A 211 -1.97 -16.04 -3.07
C PHE A 211 -2.92 -16.26 -4.25
N LYS A 212 -2.85 -17.43 -4.85
CA LYS A 212 -3.73 -17.77 -5.96
C LYS A 212 -5.18 -17.51 -5.54
N ALA A 213 -5.50 -17.88 -4.30
CA ALA A 213 -6.84 -17.70 -3.77
C ALA A 213 -7.23 -16.23 -3.84
N TRP A 214 -6.32 -15.38 -3.38
CA TRP A 214 -6.53 -13.94 -3.39
C TRP A 214 -6.76 -13.47 -4.83
N ALA A 215 -5.94 -13.98 -5.75
CA ALA A 215 -6.03 -13.59 -7.14
C ALA A 215 -7.35 -13.97 -7.76
N VAL A 216 -7.77 -15.22 -7.57
CA VAL A 216 -9.02 -15.62 -8.17
C VAL A 216 -10.12 -14.65 -7.79
N ALA A 217 -10.19 -14.34 -6.50
CA ALA A 217 -11.22 -13.44 -6.05
C ALA A 217 -11.06 -12.07 -6.71
N ARG A 218 -9.89 -11.46 -6.62
CA ARG A 218 -9.73 -10.14 -7.23
C ARG A 218 -9.98 -10.13 -8.71
N LEU A 219 -9.42 -11.10 -9.42
CA LEU A 219 -9.59 -11.16 -10.86
C LEU A 219 -11.03 -11.39 -11.29
N SER A 220 -11.78 -12.13 -10.48
CA SER A 220 -13.17 -12.40 -10.80
C SER A 220 -14.03 -11.16 -10.63
N GLN A 221 -13.84 -10.44 -9.53
CA GLN A 221 -14.60 -9.23 -9.29
C GLN A 221 -14.38 -8.30 -10.46
N ARG A 222 -13.13 -8.24 -10.94
CA ARG A 222 -12.75 -7.35 -12.02
C ARG A 222 -13.20 -7.82 -13.41
N PHE A 223 -13.11 -9.11 -13.67
CA PHE A 223 -13.53 -9.64 -14.96
C PHE A 223 -14.63 -10.65 -14.76
N PRO A 224 -15.81 -10.20 -14.35
CA PRO A 224 -16.93 -11.10 -14.12
C PRO A 224 -17.45 -11.82 -15.37
N LYS A 225 -17.15 -11.29 -16.55
CA LYS A 225 -17.62 -11.91 -17.79
C LYS A 225 -16.67 -12.95 -18.34
N ALA A 226 -15.46 -13.04 -17.80
CA ALA A 226 -14.53 -14.04 -18.34
C ALA A 226 -14.84 -15.42 -17.76
N GLU A 227 -14.51 -16.46 -18.52
CA GLU A 227 -14.75 -17.83 -18.07
C GLU A 227 -13.77 -18.15 -16.95
N PHE A 228 -14.08 -19.18 -16.18
CA PHE A 228 -13.20 -19.59 -15.09
C PHE A 228 -11.86 -20.12 -15.61
N ALA A 229 -11.87 -20.66 -16.82
CA ALA A 229 -10.64 -21.19 -17.40
C ALA A 229 -9.72 -20.04 -17.78
N GLU A 230 -10.30 -18.92 -18.15
CA GLU A 230 -9.54 -17.74 -18.51
C GLU A 230 -8.96 -17.15 -17.22
N VAL A 231 -9.76 -17.16 -16.16
CA VAL A 231 -9.31 -16.62 -14.88
C VAL A 231 -8.20 -17.48 -14.26
N SER A 232 -8.28 -18.79 -14.44
CA SER A 232 -7.24 -19.65 -13.88
C SER A 232 -5.96 -19.40 -14.63
N LYS A 233 -6.08 -19.24 -15.94
CA LYS A 233 -4.94 -18.98 -16.80
C LYS A 233 -4.25 -17.72 -16.27
N LEU A 234 -5.03 -16.66 -16.14
CA LEU A 234 -4.51 -15.41 -15.66
C LEU A 234 -3.91 -15.52 -14.26
N VAL A 235 -4.60 -16.20 -13.35
CA VAL A 235 -4.08 -16.35 -11.99
C VAL A 235 -2.73 -17.03 -11.99
N THR A 236 -2.54 -17.98 -12.90
CA THR A 236 -1.28 -18.69 -12.98
C THR A 236 -0.18 -17.74 -13.38
N ASP A 237 -0.38 -17.05 -14.51
CA ASP A 237 0.61 -16.09 -15.00
C ASP A 237 0.84 -14.95 -14.02
N LEU A 238 -0.22 -14.48 -13.37
CA LEU A 238 -0.08 -13.39 -12.43
C LEU A 238 0.76 -13.85 -11.24
N THR A 239 0.63 -15.12 -10.87
CA THR A 239 1.40 -15.63 -9.74
C THR A 239 2.86 -15.73 -10.12
N LYS A 240 3.14 -16.14 -11.36
CA LYS A 240 4.54 -16.22 -11.76
C LYS A 240 5.10 -14.80 -11.79
N VAL A 241 4.29 -13.87 -12.28
CA VAL A 241 4.70 -12.49 -12.36
C VAL A 241 5.06 -11.90 -11.00
N HIS A 242 4.15 -11.99 -10.02
CA HIS A 242 4.44 -11.46 -8.69
C HIS A 242 5.65 -12.13 -8.07
N THR A 243 5.73 -13.45 -8.20
CA THR A 243 6.87 -14.18 -7.69
C THR A 243 8.16 -13.59 -8.26
N GLU A 244 8.28 -13.59 -9.59
CA GLU A 244 9.47 -13.05 -10.25
C GLU A 244 9.71 -11.60 -9.88
N CYS A 245 8.68 -10.78 -10.01
CA CYS A 245 8.84 -9.38 -9.65
C CYS A 245 9.28 -9.20 -8.20
N CYS A 246 8.81 -10.04 -7.29
CA CYS A 246 9.23 -9.93 -5.89
C CYS A 246 10.68 -10.31 -5.69
N HIS A 247 11.17 -11.23 -6.51
CA HIS A 247 12.54 -11.66 -6.37
C HIS A 247 13.46 -10.47 -6.58
N GLY A 248 12.92 -9.43 -7.20
CA GLY A 248 13.68 -8.21 -7.43
C GLY A 248 14.32 -7.99 -8.78
N ASP A 249 14.26 -8.96 -9.68
CA ASP A 249 14.87 -8.74 -10.99
C ASP A 249 13.96 -7.96 -11.91
N LEU A 250 14.36 -6.71 -12.16
CA LEU A 250 13.62 -5.81 -13.03
C LEU A 250 13.30 -6.38 -14.39
N LEU A 251 14.32 -6.85 -15.11
CA LEU A 251 14.10 -7.37 -16.45
C LEU A 251 13.10 -8.49 -16.54
N GLU A 252 13.41 -9.56 -15.82
CA GLU A 252 12.54 -10.73 -15.82
C GLU A 252 11.15 -10.22 -15.45
N CYS A 253 11.05 -9.45 -14.37
CA CYS A 253 9.77 -8.92 -13.93
C CYS A 253 9.04 -8.17 -15.02
N ALA A 254 9.78 -7.33 -15.75
CA ALA A 254 9.21 -6.54 -16.82
C ALA A 254 8.72 -7.41 -17.97
N ASP A 255 9.53 -8.36 -18.38
CA ASP A 255 9.11 -9.21 -19.48
C ASP A 255 7.85 -10.00 -19.18
N ASP A 256 7.74 -10.54 -17.98
CA ASP A 256 6.54 -11.29 -17.64
C ASP A 256 5.35 -10.33 -17.68
N ARG A 257 5.53 -9.13 -17.15
CA ARG A 257 4.46 -8.15 -17.15
C ARG A 257 4.00 -7.78 -18.55
N ALA A 258 4.95 -7.56 -19.46
CA ALA A 258 4.58 -7.20 -20.81
C ALA A 258 3.80 -8.34 -21.45
N ASP A 259 4.32 -9.55 -21.30
CA ASP A 259 3.66 -10.72 -21.86
C ASP A 259 2.19 -10.79 -21.46
N LEU A 260 1.95 -10.82 -20.15
CA LEU A 260 0.60 -10.92 -19.64
C LEU A 260 -0.33 -9.81 -20.14
N ALA A 261 0.23 -8.62 -20.35
CA ALA A 261 -0.59 -7.52 -20.83
C ALA A 261 -0.92 -7.77 -22.29
N LYS A 262 0.08 -8.22 -23.04
CA LYS A 262 -0.09 -8.52 -24.45
C LYS A 262 -1.18 -9.56 -24.56
N TYR A 263 -1.00 -10.65 -23.83
CA TYR A 263 -1.97 -11.73 -23.82
C TYR A 263 -3.37 -11.16 -23.56
N ILE A 264 -3.54 -10.55 -22.40
CA ILE A 264 -4.83 -9.99 -22.06
C ILE A 264 -5.43 -9.13 -23.15
N CYS A 265 -4.62 -8.28 -23.80
CA CYS A 265 -5.17 -7.42 -24.85
C CYS A 265 -5.66 -8.21 -26.06
N GLU A 266 -4.86 -9.13 -26.55
CA GLU A 266 -5.26 -9.96 -27.68
C GLU A 266 -6.56 -10.69 -27.39
N ASN A 267 -6.73 -11.15 -26.17
CA ASN A 267 -7.93 -11.88 -25.75
C ASN A 267 -8.85 -10.98 -24.97
N GLN A 268 -8.69 -9.67 -25.11
CA GLN A 268 -9.51 -8.76 -24.33
C GLN A 268 -11.01 -8.91 -24.53
N ASP A 269 -11.41 -9.45 -25.67
CA ASP A 269 -12.83 -9.63 -25.97
C ASP A 269 -13.47 -10.67 -25.04
N SER A 270 -12.71 -11.69 -24.67
CA SER A 270 -13.24 -12.73 -23.79
C SER A 270 -12.76 -12.53 -22.35
N ILE A 271 -12.44 -11.29 -21.98
CA ILE A 271 -11.96 -10.98 -20.65
C ILE A 271 -12.69 -9.80 -19.99
N SER A 272 -12.86 -8.71 -20.72
CA SER A 272 -13.53 -7.53 -20.16
C SER A 272 -13.75 -6.51 -21.25
N SER A 273 -14.80 -5.73 -21.11
CA SER A 273 -15.08 -4.70 -22.11
C SER A 273 -14.38 -3.40 -21.75
N LYS A 274 -14.12 -3.20 -20.46
CA LYS A 274 -13.46 -1.99 -19.97
C LYS A 274 -11.98 -1.88 -20.35
N LEU A 275 -11.46 -2.83 -21.13
CA LEU A 275 -10.04 -2.80 -21.50
C LEU A 275 -9.61 -2.06 -22.75
N LYS A 276 -10.55 -1.80 -23.67
CA LYS A 276 -10.22 -1.10 -24.91
C LYS A 276 -9.23 0.02 -24.66
N GLU A 277 -9.63 1.01 -23.88
CA GLU A 277 -8.78 2.15 -23.54
C GLU A 277 -7.35 1.73 -23.16
N CYS A 278 -7.26 0.90 -22.13
CA CYS A 278 -5.97 0.41 -21.63
C CYS A 278 -5.12 -0.29 -22.67
N CYS A 279 -5.74 -1.05 -23.57
CA CYS A 279 -4.96 -1.77 -24.55
C CYS A 279 -4.42 -0.99 -25.73
N GLU A 280 -4.82 0.27 -25.83
CA GLU A 280 -4.33 1.13 -26.91
C GLU A 280 -3.01 1.77 -26.46
N LYS A 281 -2.97 2.21 -25.20
CA LYS A 281 -1.78 2.85 -24.62
C LYS A 281 -0.44 2.21 -25.00
N PRO A 282 0.68 2.96 -24.82
CA PRO A 282 2.05 2.54 -25.13
C PRO A 282 2.54 1.39 -24.23
N LEU A 283 3.45 0.59 -24.78
CA LEU A 283 4.04 -0.56 -24.09
C LEU A 283 4.29 -0.36 -22.59
N LEU A 284 4.97 0.74 -22.28
CA LEU A 284 5.33 1.08 -20.92
C LEU A 284 4.12 1.36 -20.02
N GLU A 285 2.97 1.68 -20.62
CA GLU A 285 1.79 2.01 -19.83
C GLU A 285 0.67 0.98 -19.81
N LYS A 286 0.74 -0.03 -20.68
CA LYS A 286 -0.29 -1.04 -20.72
C LYS A 286 -0.54 -1.67 -19.35
N SER A 287 0.45 -2.40 -18.84
CA SER A 287 0.37 -3.05 -17.53
C SER A 287 -0.27 -2.19 -16.46
N HIS A 288 0.35 -1.05 -16.18
CA HIS A 288 -0.16 -0.15 -15.18
C HIS A 288 -1.65 0.06 -15.32
N CYS A 289 -2.07 0.35 -16.55
CA CYS A 289 -3.47 0.62 -16.86
C CYS A 289 -4.37 -0.57 -16.54
N ILE A 290 -4.05 -1.69 -17.16
CA ILE A 290 -4.82 -2.90 -16.97
C ILE A 290 -4.93 -3.31 -15.52
N ALA A 291 -3.81 -3.30 -14.81
CA ALA A 291 -3.82 -3.69 -13.41
C ALA A 291 -4.80 -2.90 -12.54
N GLU A 292 -5.19 -1.71 -13.00
CA GLU A 292 -6.12 -0.85 -12.25
C GLU A 292 -7.50 -0.71 -12.88
N VAL A 293 -7.66 -1.26 -14.08
CA VAL A 293 -8.92 -1.14 -14.79
C VAL A 293 -10.13 -1.39 -13.90
N GLU A 294 -11.13 -0.53 -14.02
CA GLU A 294 -12.37 -0.62 -13.27
C GLU A 294 -13.05 -1.98 -13.49
N ASN A 295 -13.82 -2.43 -12.51
CA ASN A 295 -14.52 -3.72 -12.63
C ASN A 295 -15.52 -3.66 -13.78
N ASP A 296 -15.56 -4.71 -14.58
CA ASP A 296 -16.48 -4.76 -15.71
C ASP A 296 -17.89 -5.00 -15.19
N GLU A 297 -18.88 -4.68 -16.00
CA GLU A 297 -20.26 -4.89 -15.60
C GLU A 297 -20.48 -6.40 -15.55
N MET A 298 -21.12 -6.88 -14.49
CA MET A 298 -21.36 -8.31 -14.35
C MET A 298 -22.61 -8.77 -15.08
N PRO A 299 -22.56 -9.98 -15.68
CA PRO A 299 -23.67 -10.59 -16.42
C PRO A 299 -24.98 -10.51 -15.66
N ALA A 300 -26.07 -10.34 -16.40
CA ALA A 300 -27.40 -10.23 -15.80
C ALA A 300 -28.05 -11.60 -15.58
N ASP A 301 -27.86 -12.50 -16.55
CA ASP A 301 -28.42 -13.84 -16.44
C ASP A 301 -27.52 -14.74 -15.61
N LEU A 302 -27.38 -14.44 -14.32
CA LEU A 302 -26.54 -15.25 -13.44
C LEU A 302 -27.28 -16.00 -12.35
N PRO A 303 -27.24 -17.34 -12.41
CA PRO A 303 -27.87 -18.30 -11.50
C PRO A 303 -27.50 -18.10 -10.03
N SER A 304 -28.27 -18.72 -9.16
CA SER A 304 -28.00 -18.64 -7.74
C SER A 304 -26.85 -19.59 -7.47
N LEU A 305 -25.95 -19.20 -6.58
CA LEU A 305 -24.81 -20.03 -6.24
C LEU A 305 -25.29 -21.38 -5.72
N ALA A 306 -26.30 -21.33 -4.85
CA ALA A 306 -26.88 -22.52 -4.23
C ALA A 306 -27.12 -23.67 -5.21
N ALA A 307 -27.32 -23.33 -6.48
CA ALA A 307 -27.56 -24.34 -7.50
C ALA A 307 -26.40 -25.34 -7.54
N ASP A 308 -25.20 -24.86 -7.88
CA ASP A 308 -24.03 -25.73 -7.98
C ASP A 308 -23.24 -25.97 -6.71
N PHE A 309 -23.55 -25.27 -5.63
CA PHE A 309 -22.78 -25.45 -4.40
C PHE A 309 -23.52 -25.91 -3.15
N VAL A 310 -24.85 -25.97 -3.19
CA VAL A 310 -25.62 -26.41 -2.02
C VAL A 310 -26.68 -27.44 -2.39
N GLU A 311 -27.43 -27.14 -3.44
CA GLU A 311 -28.50 -28.02 -3.89
C GLU A 311 -27.99 -29.29 -4.58
N SER A 312 -27.09 -29.16 -5.55
CA SER A 312 -26.55 -30.32 -6.26
C SER A 312 -26.13 -31.48 -5.35
N LYS A 313 -26.29 -32.71 -5.86
CA LYS A 313 -25.95 -33.93 -5.14
C LYS A 313 -24.55 -34.44 -5.49
N ASP A 314 -23.79 -33.59 -6.18
CA ASP A 314 -22.43 -33.93 -6.58
C ASP A 314 -21.37 -33.00 -5.98
N VAL A 315 -21.76 -32.19 -5.00
CA VAL A 315 -20.82 -31.27 -4.37
C VAL A 315 -19.56 -32.03 -4.00
N CYS A 316 -19.64 -32.91 -3.01
CA CYS A 316 -18.48 -33.69 -2.58
C CYS A 316 -17.79 -34.45 -3.72
N LYS A 317 -18.55 -34.98 -4.67
CA LYS A 317 -17.91 -35.70 -5.76
C LYS A 317 -16.98 -34.70 -6.42
N ASN A 318 -17.58 -33.69 -7.07
CA ASN A 318 -16.82 -32.66 -7.76
C ASN A 318 -15.68 -32.13 -6.90
N TYR A 319 -15.93 -32.06 -5.60
CA TYR A 319 -14.94 -31.56 -4.68
C TYR A 319 -13.76 -32.50 -4.44
N ALA A 320 -14.02 -33.76 -4.15
CA ALA A 320 -12.91 -34.67 -3.89
C ALA A 320 -12.07 -34.86 -5.15
N GLU A 321 -12.73 -34.77 -6.29
CA GLU A 321 -12.05 -34.94 -7.58
C GLU A 321 -10.90 -33.96 -7.74
N ALA A 322 -11.09 -32.75 -7.25
CA ALA A 322 -10.08 -31.70 -7.34
C ALA A 322 -10.52 -30.61 -6.37
N LYS A 323 -10.12 -30.76 -5.12
CA LYS A 323 -10.51 -29.81 -4.09
C LYS A 323 -10.28 -28.33 -4.39
N ASP A 324 -9.05 -27.96 -4.71
CA ASP A 324 -8.77 -26.56 -4.97
C ASP A 324 -9.45 -26.00 -6.19
N VAL A 325 -9.52 -26.76 -7.27
CA VAL A 325 -10.18 -26.25 -8.46
C VAL A 325 -11.63 -25.92 -8.12
N PHE A 326 -12.25 -26.81 -7.34
CA PHE A 326 -13.63 -26.63 -6.95
C PHE A 326 -13.78 -25.35 -6.12
N LEU A 327 -13.05 -25.29 -5.01
CA LEU A 327 -13.10 -24.11 -4.16
C LEU A 327 -12.82 -22.87 -5.03
N GLY A 328 -11.86 -22.99 -5.95
CA GLY A 328 -11.54 -21.88 -6.83
C GLY A 328 -12.78 -21.47 -7.61
N MET A 329 -13.55 -22.45 -8.05
CA MET A 329 -14.76 -22.16 -8.79
C MET A 329 -15.76 -21.46 -7.85
N PHE A 330 -15.78 -21.89 -6.59
CA PHE A 330 -16.67 -21.26 -5.63
C PHE A 330 -16.32 -19.78 -5.61
N LEU A 331 -15.04 -19.48 -5.34
CA LEU A 331 -14.54 -18.12 -5.30
C LEU A 331 -14.88 -17.35 -6.55
N TYR A 332 -14.59 -17.97 -7.68
CA TYR A 332 -14.88 -17.32 -8.95
C TYR A 332 -16.33 -16.90 -8.99
N GLU A 333 -17.21 -17.85 -8.72
CA GLU A 333 -18.64 -17.56 -8.76
C GLU A 333 -19.05 -16.52 -7.72
N TYR A 334 -18.58 -16.66 -6.49
CA TYR A 334 -18.98 -15.73 -5.48
C TYR A 334 -18.33 -14.35 -5.66
N ALA A 335 -17.10 -14.33 -6.16
CA ALA A 335 -16.41 -13.08 -6.31
C ALA A 335 -17.00 -12.17 -7.36
N ARG A 336 -17.34 -12.73 -8.52
CA ARG A 336 -17.87 -11.91 -9.59
C ARG A 336 -19.28 -11.40 -9.40
N ARG A 337 -19.96 -11.91 -8.39
CA ARG A 337 -21.30 -11.45 -8.13
C ARG A 337 -21.22 -10.42 -7.05
N HIS A 338 -20.03 -10.23 -6.50
CA HIS A 338 -19.87 -9.25 -5.44
C HIS A 338 -18.64 -8.38 -5.56
N PRO A 339 -18.69 -7.37 -6.43
CA PRO A 339 -17.55 -6.47 -6.60
C PRO A 339 -17.53 -5.61 -5.36
N ASP A 340 -18.63 -5.65 -4.61
CA ASP A 340 -18.79 -4.86 -3.40
C ASP A 340 -18.20 -5.49 -2.15
N TYR A 341 -17.67 -6.69 -2.28
CA TYR A 341 -17.06 -7.37 -1.15
C TYR A 341 -15.55 -7.14 -1.20
N SER A 342 -14.94 -7.20 -0.01
CA SER A 342 -13.50 -7.05 0.09
C SER A 342 -12.96 -8.43 -0.28
N VAL A 343 -11.81 -8.48 -0.93
CA VAL A 343 -11.23 -9.76 -1.33
C VAL A 343 -11.10 -10.68 -0.12
N VAL A 344 -10.60 -10.16 0.98
CA VAL A 344 -10.43 -10.96 2.16
C VAL A 344 -11.76 -11.52 2.70
N LEU A 345 -12.88 -10.81 2.51
CA LEU A 345 -14.19 -11.29 2.98
C LEU A 345 -14.57 -12.51 2.13
N LEU A 346 -14.29 -12.42 0.84
CA LEU A 346 -14.57 -13.53 -0.05
C LEU A 346 -13.72 -14.70 0.40
N LEU A 347 -12.50 -14.43 0.85
CA LEU A 347 -11.64 -15.51 1.29
C LEU A 347 -12.26 -16.20 2.51
N ARG A 348 -12.78 -15.40 3.45
CA ARG A 348 -13.42 -15.95 4.66
C ARG A 348 -14.57 -16.90 4.32
N LEU A 349 -15.37 -16.53 3.32
CA LEU A 349 -16.48 -17.36 2.93
C LEU A 349 -15.89 -18.65 2.41
N ALA A 350 -15.09 -18.56 1.35
CA ALA A 350 -14.46 -19.74 0.77
C ALA A 350 -13.85 -20.59 1.87
N LYS A 351 -13.12 -19.95 2.78
CA LYS A 351 -12.51 -20.69 3.86
C LYS A 351 -13.61 -21.45 4.60
N THR A 352 -14.63 -20.71 5.06
CA THR A 352 -15.76 -21.30 5.78
C THR A 352 -16.37 -22.45 4.99
N TYR A 353 -16.64 -22.20 3.72
CA TYR A 353 -17.20 -23.22 2.86
C TYR A 353 -16.31 -24.48 2.91
N GLU A 354 -15.01 -24.30 2.74
CA GLU A 354 -14.07 -25.41 2.77
C GLU A 354 -14.16 -26.22 4.07
N THR A 355 -14.15 -25.54 5.21
CA THR A 355 -14.23 -26.24 6.48
C THR A 355 -15.47 -27.12 6.47
N THR A 356 -16.60 -26.54 6.09
CA THR A 356 -17.84 -27.28 6.04
C THR A 356 -17.70 -28.54 5.17
N LEU A 357 -17.31 -28.36 3.91
CA LEU A 357 -17.16 -29.51 3.01
C LEU A 357 -16.28 -30.60 3.60
N GLU A 358 -15.23 -30.21 4.32
CA GLU A 358 -14.32 -31.19 4.93
C GLU A 358 -15.02 -32.02 6.00
N LYS A 359 -15.86 -31.39 6.80
CA LYS A 359 -16.58 -32.12 7.83
C LYS A 359 -17.70 -32.90 7.14
N CYS A 360 -18.62 -32.15 6.55
CA CYS A 360 -19.77 -32.72 5.88
C CYS A 360 -19.59 -33.86 4.88
N CYS A 361 -18.59 -33.79 4.02
CA CYS A 361 -18.42 -34.85 3.05
C CYS A 361 -17.98 -36.19 3.64
N ALA A 362 -17.77 -36.22 4.94
CA ALA A 362 -17.37 -37.44 5.60
C ALA A 362 -18.42 -37.73 6.67
N ALA A 363 -19.68 -37.68 6.25
CA ALA A 363 -20.80 -37.92 7.14
C ALA A 363 -21.93 -38.64 6.39
N ALA A 364 -22.72 -39.42 7.14
CA ALA A 364 -23.84 -40.19 6.61
C ALA A 364 -24.28 -39.71 5.23
N ASP A 365 -24.97 -38.57 5.20
CA ASP A 365 -25.41 -38.01 3.94
C ASP A 365 -25.02 -36.53 3.93
N PRO A 366 -24.04 -36.18 3.08
CA PRO A 366 -23.51 -34.82 2.91
C PRO A 366 -24.59 -33.76 2.84
N HIS A 367 -25.33 -33.77 1.74
CA HIS A 367 -26.41 -32.82 1.49
C HIS A 367 -27.17 -32.34 2.73
N GLU A 368 -27.31 -33.20 3.71
CA GLU A 368 -28.04 -32.86 4.93
C GLU A 368 -27.20 -31.99 5.85
N CYS A 369 -25.93 -32.32 5.94
CA CYS A 369 -24.94 -31.64 6.78
C CYS A 369 -24.55 -30.24 6.32
N TYR A 370 -24.45 -30.05 5.01
CA TYR A 370 -24.05 -28.76 4.47
C TYR A 370 -25.16 -27.92 3.83
N ALA A 371 -26.38 -28.43 3.87
CA ALA A 371 -27.52 -27.75 3.27
C ALA A 371 -27.76 -26.31 3.72
N LYS A 372 -27.35 -25.96 4.92
CA LYS A 372 -27.58 -24.60 5.39
C LYS A 372 -26.29 -23.78 5.60
N VAL A 373 -25.25 -24.08 4.83
CA VAL A 373 -23.98 -23.38 4.98
C VAL A 373 -24.04 -21.88 4.65
N PHE A 374 -24.74 -21.52 3.57
CA PHE A 374 -24.88 -20.11 3.19
C PHE A 374 -25.35 -19.28 4.38
N ASP A 375 -25.99 -19.92 5.35
CA ASP A 375 -26.48 -19.24 6.53
C ASP A 375 -25.31 -18.87 7.41
N GLU A 376 -24.25 -19.67 7.35
CA GLU A 376 -23.05 -19.43 8.13
C GLU A 376 -22.32 -18.21 7.59
N PHE A 377 -22.65 -17.85 6.35
CA PHE A 377 -22.06 -16.71 5.68
C PHE A 377 -22.60 -15.39 6.23
N LYS A 378 -23.92 -15.32 6.34
CA LYS A 378 -24.60 -14.11 6.80
C LYS A 378 -23.88 -13.27 7.86
N PRO A 379 -23.62 -13.83 9.04
CA PRO A 379 -22.92 -13.07 10.09
C PRO A 379 -21.51 -12.64 9.69
N LEU A 380 -20.94 -13.34 8.71
CA LEU A 380 -19.61 -13.03 8.22
C LEU A 380 -19.66 -11.81 7.34
N VAL A 381 -20.59 -11.80 6.39
CA VAL A 381 -20.75 -10.66 5.49
C VAL A 381 -21.15 -9.42 6.27
N GLU A 382 -22.04 -9.62 7.24
CA GLU A 382 -22.55 -8.51 8.05
C GLU A 382 -21.57 -7.79 8.94
N GLU A 383 -20.65 -8.52 9.56
CA GLU A 383 -19.67 -7.91 10.45
C GLU A 383 -18.99 -6.71 9.77
N PRO A 384 -18.32 -6.93 8.63
CA PRO A 384 -17.66 -5.81 7.95
C PRO A 384 -18.62 -4.69 7.53
N GLN A 385 -19.85 -5.06 7.15
CA GLN A 385 -20.83 -4.07 6.74
C GLN A 385 -21.29 -3.18 7.90
N ASN A 386 -21.67 -3.79 9.02
CA ASN A 386 -22.10 -2.98 10.14
C ASN A 386 -20.97 -2.11 10.68
N LEU A 387 -19.74 -2.59 10.58
CA LEU A 387 -18.63 -1.76 11.04
C LEU A 387 -18.52 -0.52 10.18
N ILE A 388 -18.60 -0.72 8.87
CA ILE A 388 -18.53 0.36 7.89
C ILE A 388 -19.63 1.41 8.10
N LYS A 389 -20.87 0.96 8.22
CA LYS A 389 -21.98 1.88 8.42
C LYS A 389 -21.78 2.65 9.72
N GLN A 390 -21.66 1.90 10.81
CA GLN A 390 -21.45 2.48 12.12
C GLN A 390 -20.32 3.50 12.11
N ASN A 391 -19.24 3.22 11.39
CA ASN A 391 -18.12 4.14 11.35
C ASN A 391 -18.27 5.32 10.39
N CYS A 392 -18.79 5.08 9.19
CA CYS A 392 -18.95 6.19 8.27
C CYS A 392 -19.98 7.17 8.78
N GLU A 393 -20.92 6.67 9.58
CA GLU A 393 -21.95 7.55 10.13
C GLU A 393 -21.28 8.52 11.09
N LEU A 394 -20.56 7.98 12.06
CA LEU A 394 -19.85 8.79 13.05
C LEU A 394 -18.99 9.84 12.35
N PHE A 395 -18.36 9.42 11.26
CA PHE A 395 -17.52 10.31 10.49
C PHE A 395 -18.34 11.41 9.80
N GLU A 396 -19.59 11.13 9.46
CA GLU A 396 -20.43 12.11 8.80
C GLU A 396 -20.77 13.25 9.76
N GLN A 397 -21.06 12.90 11.00
CA GLN A 397 -21.39 13.88 12.02
C GLN A 397 -20.08 14.61 12.33
N LEU A 398 -19.24 14.00 13.14
CA LEU A 398 -17.94 14.58 13.50
C LEU A 398 -17.22 14.82 12.19
N GLY A 399 -16.13 15.57 12.21
CA GLY A 399 -15.39 15.80 10.99
C GLY A 399 -14.22 14.84 10.97
N GLU A 400 -13.38 14.92 9.95
CA GLU A 400 -12.22 14.02 9.90
C GLU A 400 -11.52 14.14 11.26
N TYR A 401 -11.16 15.35 11.64
CA TYR A 401 -10.47 15.59 12.90
C TYR A 401 -11.20 15.02 14.13
N LYS A 402 -12.43 15.46 14.38
CA LYS A 402 -13.16 14.96 15.54
C LYS A 402 -13.37 13.45 15.49
N PHE A 403 -13.45 12.91 14.28
CA PHE A 403 -13.62 11.48 14.11
C PHE A 403 -12.31 10.80 14.49
N GLN A 404 -11.21 11.46 14.24
CA GLN A 404 -9.92 10.88 14.58
C GLN A 404 -9.76 10.82 16.09
N ASN A 405 -10.26 11.83 16.78
CA ASN A 405 -10.14 11.84 18.23
C ASN A 405 -10.95 10.72 18.86
N ALA A 406 -12.10 10.43 18.26
CA ALA A 406 -12.95 9.36 18.75
C ALA A 406 -12.14 8.07 18.65
N LEU A 407 -11.50 7.89 17.50
CA LEU A 407 -10.67 6.70 17.25
C LEU A 407 -9.53 6.69 18.23
N LEU A 408 -8.98 7.86 18.51
CA LEU A 408 -7.88 8.00 19.42
C LEU A 408 -8.28 7.46 20.79
N VAL A 409 -9.37 7.99 21.34
CA VAL A 409 -9.84 7.52 22.64
C VAL A 409 -10.13 6.03 22.65
N ARG A 410 -10.74 5.55 21.57
CA ARG A 410 -11.11 4.14 21.45
C ARG A 410 -9.96 3.14 21.48
N TYR A 411 -8.91 3.40 20.70
CA TYR A 411 -7.78 2.49 20.64
C TYR A 411 -6.79 2.63 21.80
N THR A 412 -6.67 3.82 22.34
CA THR A 412 -5.78 4.02 23.47
C THR A 412 -6.31 3.14 24.59
N LYS A 413 -7.63 3.08 24.70
CA LYS A 413 -8.27 2.26 25.72
C LYS A 413 -8.03 0.79 25.42
N LYS A 414 -7.91 0.46 24.14
CA LYS A 414 -7.70 -0.93 23.77
C LYS A 414 -6.27 -1.37 23.98
N VAL A 415 -5.31 -0.59 23.50
CA VAL A 415 -3.90 -0.96 23.64
C VAL A 415 -3.13 0.18 24.26
N PRO A 416 -3.31 0.42 25.57
CA PRO A 416 -2.65 1.46 26.36
C PRO A 416 -1.13 1.37 26.37
N GLN A 417 -0.63 0.15 26.23
CA GLN A 417 0.80 -0.12 26.23
C GLN A 417 1.53 0.50 25.03
N VAL A 418 0.82 0.66 23.92
CA VAL A 418 1.42 1.25 22.73
C VAL A 418 1.89 2.67 23.00
N SER A 419 3.01 3.05 22.40
CA SER A 419 3.56 4.39 22.58
C SER A 419 2.57 5.43 22.05
N THR A 420 2.51 6.56 22.72
CA THR A 420 1.60 7.63 22.34
C THR A 420 1.80 8.10 20.92
N PRO A 421 3.06 8.30 20.51
CA PRO A 421 3.22 8.76 19.13
C PRO A 421 2.74 7.75 18.09
N THR A 422 2.81 6.46 18.43
CA THR A 422 2.35 5.44 17.49
C THR A 422 0.82 5.48 17.38
N LEU A 423 0.15 5.59 18.53
CA LEU A 423 -1.30 5.65 18.58
C LEU A 423 -1.82 6.85 17.77
N VAL A 424 -1.12 7.98 17.89
CA VAL A 424 -1.55 9.18 17.17
C VAL A 424 -1.50 9.00 15.66
N GLU A 425 -0.42 8.42 15.16
CA GLU A 425 -0.28 8.21 13.72
C GLU A 425 -1.32 7.22 13.17
N VAL A 426 -1.40 6.05 13.80
CA VAL A 426 -2.34 5.04 13.36
C VAL A 426 -3.75 5.60 13.33
N SER A 427 -4.16 6.25 14.41
CA SER A 427 -5.50 6.82 14.47
C SER A 427 -5.71 7.85 13.37
N ARG A 428 -4.70 8.67 13.13
CA ARG A 428 -4.85 9.65 12.09
C ARG A 428 -5.05 8.97 10.75
N ASN A 429 -4.17 8.03 10.41
CA ASN A 429 -4.29 7.32 9.14
C ASN A 429 -5.62 6.60 9.05
N LEU A 430 -6.03 5.99 10.15
CA LEU A 430 -7.30 5.29 10.18
C LEU A 430 -8.40 6.27 9.79
N GLY A 431 -8.33 7.46 10.36
CA GLY A 431 -9.30 8.49 10.04
C GLY A 431 -9.31 8.85 8.57
N LYS A 432 -8.13 9.00 7.98
CA LYS A 432 -8.05 9.35 6.57
C LYS A 432 -8.80 8.30 5.76
N VAL A 433 -8.61 7.04 6.11
CA VAL A 433 -9.30 5.98 5.39
C VAL A 433 -10.77 6.31 5.48
N GLY A 434 -11.19 6.78 6.65
CA GLY A 434 -12.57 7.14 6.87
C GLY A 434 -13.12 8.19 5.94
N SER A 435 -12.35 9.24 5.67
CA SER A 435 -12.82 10.32 4.80
C SER A 435 -12.69 9.99 3.32
N LYS A 436 -11.75 9.10 3.00
CA LYS A 436 -11.49 8.71 1.63
C LYS A 436 -12.48 7.69 1.10
N CYS A 437 -13.00 6.84 1.98
CA CYS A 437 -13.91 5.81 1.55
C CYS A 437 -15.36 6.13 1.76
N CYS A 438 -15.69 6.67 2.92
CA CYS A 438 -17.08 7.00 3.21
C CYS A 438 -17.71 7.88 2.13
N LYS A 439 -16.89 8.66 1.43
CA LYS A 439 -17.44 9.51 0.38
C LYS A 439 -18.02 8.68 -0.77
N HIS A 440 -17.67 7.40 -0.81
CA HIS A 440 -18.15 6.49 -1.86
C HIS A 440 -19.55 5.90 -1.65
N PRO A 441 -20.17 5.44 -2.75
CA PRO A 441 -21.50 4.85 -2.61
C PRO A 441 -21.30 3.55 -1.87
N GLU A 442 -22.22 3.25 -0.96
CA GLU A 442 -22.16 2.02 -0.17
C GLU A 442 -21.70 0.78 -0.92
N ALA A 443 -21.86 0.75 -2.23
CA ALA A 443 -21.46 -0.41 -3.00
C ALA A 443 -19.96 -0.53 -3.25
N LYS A 444 -19.22 0.52 -2.94
CA LYS A 444 -17.78 0.48 -3.17
C LYS A 444 -16.96 0.70 -1.89
N ARG A 445 -17.66 1.01 -0.80
CA ARG A 445 -17.02 1.27 0.47
C ARG A 445 -16.11 0.15 0.96
N MET A 446 -16.66 -1.04 1.09
CA MET A 446 -15.87 -2.17 1.59
C MET A 446 -14.57 -2.44 0.84
N PRO A 447 -14.61 -2.46 -0.50
CA PRO A 447 -13.38 -2.73 -1.24
C PRO A 447 -12.35 -1.65 -0.92
N CYS A 448 -12.84 -0.43 -0.77
CA CYS A 448 -12.01 0.71 -0.46
C CYS A 448 -11.31 0.56 0.89
N ALA A 449 -12.09 0.28 1.93
CA ALA A 449 -11.52 0.11 3.24
C ALA A 449 -10.46 -0.99 3.23
N GLU A 450 -10.77 -2.10 2.60
CA GLU A 450 -9.82 -3.21 2.56
C GLU A 450 -8.45 -2.74 2.09
N ASP A 451 -8.43 -2.05 0.96
CA ASP A 451 -7.18 -1.59 0.42
C ASP A 451 -6.40 -0.61 1.28
N TYR A 452 -7.06 0.39 1.85
CA TYR A 452 -6.35 1.34 2.68
C TYR A 452 -5.99 0.76 4.04
N LEU A 453 -6.93 0.03 4.61
CA LEU A 453 -6.75 -0.58 5.91
C LEU A 453 -5.65 -1.64 5.91
N SER A 454 -5.45 -2.27 4.77
CA SER A 454 -4.44 -3.31 4.67
C SER A 454 -3.01 -2.80 4.85
N VAL A 455 -2.71 -1.65 4.26
CA VAL A 455 -1.37 -1.10 4.38
C VAL A 455 -1.21 -0.55 5.80
N VAL A 456 -2.19 0.20 6.26
CA VAL A 456 -2.17 0.80 7.60
C VAL A 456 -1.92 -0.23 8.71
N LEU A 457 -2.57 -1.38 8.62
CA LEU A 457 -2.41 -2.42 9.63
C LEU A 457 -1.03 -3.06 9.52
N ASN A 458 -0.52 -3.13 8.30
CA ASN A 458 0.79 -3.72 8.08
C ASN A 458 1.84 -2.77 8.63
N GLN A 459 1.66 -1.48 8.41
CA GLN A 459 2.61 -0.49 8.91
C GLN A 459 2.60 -0.61 10.42
N LEU A 460 1.40 -0.73 10.97
CA LEU A 460 1.24 -0.85 12.41
C LEU A 460 2.00 -2.07 12.91
N CYS A 461 1.81 -3.21 12.23
CA CYS A 461 2.48 -4.45 12.62
C CYS A 461 4.00 -4.41 12.53
N VAL A 462 4.51 -3.83 11.46
CA VAL A 462 5.94 -3.73 11.27
C VAL A 462 6.59 -2.98 12.42
N LEU A 463 6.11 -1.77 12.70
CA LEU A 463 6.70 -0.99 13.76
C LEU A 463 6.29 -1.45 15.16
N HIS A 464 5.90 -2.71 15.28
CA HIS A 464 5.54 -3.29 16.57
C HIS A 464 6.34 -4.57 16.61
N GLU A 465 6.64 -5.06 15.41
CA GLU A 465 7.44 -6.26 15.27
C GLU A 465 8.72 -5.83 15.96
N LYS A 466 9.19 -4.66 15.55
CA LYS A 466 10.39 -4.08 16.11
C LYS A 466 10.30 -3.85 17.61
N THR A 467 9.32 -3.09 18.06
CA THR A 467 9.18 -2.79 19.48
C THR A 467 7.97 -3.42 20.15
N PRO A 468 7.99 -4.75 20.28
CA PRO A 468 6.91 -5.52 20.91
C PRO A 468 6.43 -4.88 22.17
N VAL A 469 5.16 -4.49 22.19
CA VAL A 469 4.58 -3.85 23.36
C VAL A 469 3.41 -4.66 23.88
N SER A 470 2.70 -5.33 22.97
CA SER A 470 1.56 -6.12 23.39
C SER A 470 1.51 -7.49 22.70
N ASP A 471 1.11 -8.48 23.46
CA ASP A 471 0.98 -9.84 22.96
C ASP A 471 -0.23 -9.89 22.04
N ARG A 472 -1.29 -9.21 22.46
CA ARG A 472 -2.53 -9.15 21.70
C ARG A 472 -2.32 -8.56 20.32
N VAL A 473 -1.47 -7.54 20.22
CA VAL A 473 -1.20 -6.91 18.93
C VAL A 473 -0.34 -7.88 18.09
N THR A 474 0.49 -8.65 18.77
CA THR A 474 1.34 -9.60 18.10
C THR A 474 0.51 -10.77 17.58
N LYS A 475 -0.52 -11.17 18.31
CA LYS A 475 -1.35 -12.26 17.86
C LYS A 475 -2.06 -11.85 16.58
N CYS A 476 -2.61 -10.64 16.59
CA CYS A 476 -3.31 -10.12 15.44
C CYS A 476 -2.36 -9.95 14.26
N CYS A 477 -1.17 -9.45 14.53
CA CYS A 477 -0.17 -9.23 13.49
C CYS A 477 0.39 -10.49 12.84
N THR A 478 0.41 -11.60 13.59
CA THR A 478 0.92 -12.86 13.08
C THR A 478 -0.19 -13.88 12.80
N GLU A 479 -1.44 -13.42 12.89
CA GLU A 479 -2.60 -14.26 12.64
C GLU A 479 -2.79 -14.37 11.13
N SER A 480 -3.73 -15.20 10.70
CA SER A 480 -4.02 -15.38 9.28
C SER A 480 -4.27 -14.02 8.63
N LEU A 481 -3.79 -13.82 7.41
CA LEU A 481 -3.98 -12.55 6.72
C LEU A 481 -5.45 -12.22 6.56
N VAL A 482 -6.29 -13.26 6.62
CA VAL A 482 -7.72 -13.10 6.47
C VAL A 482 -8.37 -12.91 7.85
N ASN A 483 -7.57 -13.10 8.90
CA ASN A 483 -8.05 -12.95 10.26
C ASN A 483 -7.51 -11.68 10.90
N ARG A 484 -6.58 -11.03 10.22
CA ARG A 484 -5.96 -9.83 10.73
C ARG A 484 -6.92 -8.74 11.19
N ARG A 485 -7.68 -8.18 10.26
CA ARG A 485 -8.59 -7.11 10.61
C ARG A 485 -9.60 -7.50 11.70
N PRO A 486 -10.25 -8.67 11.57
CA PRO A 486 -11.21 -9.02 12.61
C PRO A 486 -10.52 -9.18 13.95
N CYS A 487 -9.28 -9.66 13.94
CA CYS A 487 -8.53 -9.83 15.19
C CYS A 487 -8.40 -8.51 15.94
N PHE A 488 -8.15 -7.43 15.20
CA PHE A 488 -8.02 -6.09 15.79
C PHE A 488 -9.38 -5.56 16.24
N SER A 489 -10.40 -5.79 15.40
CA SER A 489 -11.75 -5.35 15.73
C SER A 489 -12.21 -6.04 17.01
N ALA A 490 -11.65 -7.23 17.28
CA ALA A 490 -12.00 -8.01 18.45
C ALA A 490 -11.35 -7.51 19.75
N LEU A 491 -10.34 -6.65 19.63
CA LEU A 491 -9.69 -6.13 20.81
C LEU A 491 -10.70 -5.45 21.70
N GLU A 492 -10.56 -5.67 23.00
CA GLU A 492 -11.47 -5.08 23.97
C GLU A 492 -10.69 -4.22 24.95
N VAL A 493 -11.39 -3.34 25.66
CA VAL A 493 -10.73 -2.48 26.63
C VAL A 493 -9.78 -3.31 27.49
N ASP A 494 -8.61 -2.74 27.79
CA ASP A 494 -7.62 -3.43 28.60
C ASP A 494 -7.92 -3.14 30.06
N GLU A 495 -8.45 -4.14 30.76
CA GLU A 495 -8.79 -3.99 32.18
C GLU A 495 -7.56 -4.16 33.07
N THR A 496 -6.55 -4.84 32.54
CA THR A 496 -5.31 -5.10 33.26
C THR A 496 -4.43 -3.85 33.38
N TYR A 497 -4.56 -2.95 32.42
CA TYR A 497 -3.75 -1.74 32.41
C TYR A 497 -3.86 -0.90 33.65
N VAL A 498 -2.71 -0.47 34.15
CA VAL A 498 -2.65 0.38 35.34
C VAL A 498 -2.29 1.80 34.90
N PRO A 499 -3.15 2.79 35.22
CA PRO A 499 -2.97 4.20 34.89
C PRO A 499 -1.53 4.68 34.97
N LYS A 500 -1.21 5.66 34.14
CA LYS A 500 0.12 6.23 34.08
C LYS A 500 0.17 7.36 35.10
N GLU A 501 1.13 7.30 36.02
CA GLU A 501 1.27 8.33 37.04
C GLU A 501 1.26 9.73 36.40
N PHE A 502 0.48 10.64 36.99
CA PHE A 502 0.35 11.99 36.48
C PHE A 502 1.67 12.73 36.23
N ASN A 503 1.72 13.45 35.12
CA ASN A 503 2.89 14.24 34.78
C ASN A 503 2.45 15.66 34.48
N ALA A 504 2.96 16.62 35.25
CA ALA A 504 2.60 18.02 35.07
C ALA A 504 3.11 18.56 33.72
N GLU A 505 4.34 18.19 33.39
CA GLU A 505 4.98 18.62 32.16
C GLU A 505 4.15 18.25 30.93
N THR A 506 3.52 17.07 30.99
CA THR A 506 2.70 16.54 29.90
C THR A 506 1.39 17.27 29.61
N PHE A 507 0.90 18.06 30.55
CA PHE A 507 -0.36 18.73 30.31
C PHE A 507 -0.29 20.25 30.37
N THR A 508 0.93 20.78 30.33
CA THR A 508 1.12 22.23 30.35
C THR A 508 1.37 22.73 28.93
N PHE A 509 0.65 23.78 28.51
CA PHE A 509 0.78 24.31 27.16
C PHE A 509 1.24 25.77 27.06
N HIS A 510 2.00 26.06 26.02
CA HIS A 510 2.50 27.41 25.78
C HIS A 510 1.85 28.02 24.54
N ALA A 511 1.85 29.35 24.50
CA ALA A 511 1.24 30.08 23.39
C ALA A 511 1.75 29.66 22.01
N ASP A 512 2.91 29.00 21.96
CA ASP A 512 3.45 28.57 20.69
C ASP A 512 2.48 27.65 19.96
N ILE A 513 1.43 27.23 20.67
CA ILE A 513 0.41 26.35 20.11
C ILE A 513 -0.51 27.18 19.22
N CYS A 514 -0.31 28.50 19.23
CA CYS A 514 -1.12 29.39 18.41
C CYS A 514 -0.46 29.65 17.07
N THR A 515 0.87 29.76 17.08
CA THR A 515 1.64 30.02 15.87
C THR A 515 1.83 28.76 15.03
N LEU A 516 1.71 27.60 15.66
CA LEU A 516 1.89 26.33 14.95
C LEU A 516 0.80 26.10 13.90
N SER A 517 1.15 25.35 12.86
CA SER A 517 0.22 25.06 11.77
C SER A 517 -0.79 23.99 12.16
N GLU A 518 -1.92 23.99 11.46
CA GLU A 518 -2.98 23.02 11.72
C GLU A 518 -2.46 21.63 12.05
N LYS A 519 -1.83 20.99 11.08
CA LYS A 519 -1.30 19.65 11.25
C LYS A 519 -0.53 19.51 12.56
N GLU A 520 0.11 20.59 13.00
CA GLU A 520 0.91 20.55 14.22
C GLU A 520 0.11 20.81 15.50
N GLU A 521 -0.90 21.69 15.43
CA GLU A 521 -1.70 21.97 16.61
C GLU A 521 -2.45 20.72 16.96
N GLN A 522 -3.12 20.16 15.96
CA GLN A 522 -3.89 18.94 16.13
C GLN A 522 -3.04 17.85 16.77
N ILE A 523 -1.95 17.49 16.11
CA ILE A 523 -1.08 16.46 16.61
C ILE A 523 -0.58 16.80 18.01
N LYS A 524 -0.59 18.08 18.37
CA LYS A 524 -0.14 18.46 19.70
C LYS A 524 -1.29 18.22 20.67
N LYS A 525 -2.51 18.50 20.22
CA LYS A 525 -3.69 18.30 21.04
C LYS A 525 -3.96 16.79 21.20
N GLN A 526 -3.90 16.08 20.08
CA GLN A 526 -4.15 14.65 20.05
C GLN A 526 -3.19 13.88 20.95
N THR A 527 -1.94 14.33 21.03
CA THR A 527 -0.95 13.68 21.87
C THR A 527 -1.35 13.86 23.33
N ALA A 528 -1.85 15.05 23.66
CA ALA A 528 -2.28 15.31 25.02
C ALA A 528 -3.48 14.43 25.35
N LEU A 529 -4.34 14.22 24.36
CA LEU A 529 -5.54 13.40 24.53
C LEU A 529 -5.21 11.95 24.84
N VAL A 530 -4.27 11.39 24.08
CA VAL A 530 -3.86 10.00 24.30
C VAL A 530 -3.23 9.91 25.68
N GLU A 531 -2.49 10.95 26.05
CA GLU A 531 -1.82 10.98 27.34
C GLU A 531 -2.83 11.11 28.45
N LEU A 532 -3.94 11.77 28.15
CA LEU A 532 -5.02 11.97 29.11
C LEU A 532 -5.68 10.63 29.38
N VAL A 533 -6.05 9.94 28.30
CA VAL A 533 -6.68 8.65 28.45
C VAL A 533 -5.74 7.65 29.13
N LYS A 534 -4.45 7.70 28.79
CA LYS A 534 -3.49 6.77 29.41
C LYS A 534 -3.35 7.02 30.90
N HIS A 535 -3.91 8.13 31.38
CA HIS A 535 -3.83 8.47 32.78
C HIS A 535 -5.14 8.22 33.54
N LYS A 536 -6.25 8.28 32.81
CA LYS A 536 -7.55 8.05 33.41
C LYS A 536 -8.42 7.26 32.45
N PRO A 537 -8.06 6.00 32.21
CA PRO A 537 -8.79 5.11 31.30
C PRO A 537 -10.27 4.86 31.64
N LYS A 538 -10.61 4.97 32.92
CA LYS A 538 -11.98 4.75 33.36
C LYS A 538 -12.87 5.94 33.02
N ALA A 539 -12.31 6.96 32.39
CA ALA A 539 -13.09 8.14 32.05
C ALA A 539 -14.15 7.84 30.99
N THR A 540 -15.37 8.29 31.26
CA THR A 540 -16.47 8.09 30.33
C THR A 540 -16.37 9.13 29.23
N LYS A 541 -17.06 8.87 28.11
CA LYS A 541 -17.04 9.80 27.00
C LYS A 541 -17.48 11.17 27.49
N GLU A 542 -18.51 11.20 28.33
CA GLU A 542 -19.01 12.45 28.88
C GLU A 542 -17.89 13.22 29.57
N GLN A 543 -17.24 12.56 30.53
CA GLN A 543 -16.14 13.17 31.27
C GLN A 543 -15.10 13.75 30.33
N LEU A 544 -14.60 12.91 29.45
CA LEU A 544 -13.60 13.32 28.48
C LEU A 544 -14.13 14.48 27.64
N LYS A 545 -15.32 14.31 27.08
CA LYS A 545 -15.96 15.34 26.27
C LYS A 545 -15.97 16.67 27.03
N ALA A 546 -16.02 16.59 28.36
CA ALA A 546 -16.03 17.80 29.18
C ALA A 546 -14.67 18.48 29.12
N VAL A 547 -13.64 17.72 29.45
CA VAL A 547 -12.29 18.24 29.43
C VAL A 547 -11.95 18.80 28.04
N MET A 548 -12.22 18.01 27.01
CA MET A 548 -11.92 18.45 25.66
C MET A 548 -12.62 19.76 25.35
N ASP A 549 -13.85 19.90 25.79
CA ASP A 549 -14.58 21.12 25.56
C ASP A 549 -13.90 22.24 26.34
N ASP A 550 -13.68 21.99 27.62
CA ASP A 550 -13.00 22.96 28.46
C ASP A 550 -11.71 23.38 27.76
N PHE A 551 -10.90 22.39 27.41
CA PHE A 551 -9.63 22.65 26.74
C PHE A 551 -9.82 23.48 25.48
N ALA A 552 -10.56 22.94 24.52
CA ALA A 552 -10.81 23.63 23.26
C ALA A 552 -10.91 25.14 23.50
N ALA A 553 -11.77 25.53 24.44
CA ALA A 553 -11.95 26.95 24.77
C ALA A 553 -10.57 27.46 25.18
N PHE A 554 -10.09 26.95 26.32
CA PHE A 554 -8.78 27.29 26.87
C PHE A 554 -7.89 27.77 25.75
N VAL A 555 -7.70 26.91 24.76
CA VAL A 555 -6.89 27.24 23.61
C VAL A 555 -7.36 28.55 22.99
N GLU A 556 -8.40 28.48 22.15
CA GLU A 556 -8.93 29.66 21.49
C GLU A 556 -8.82 30.88 22.40
N LYS A 557 -9.38 30.75 23.59
CA LYS A 557 -9.37 31.82 24.58
C LYS A 557 -7.96 32.41 24.80
N CYS A 558 -6.98 31.57 25.12
CA CYS A 558 -5.62 32.06 25.35
C CYS A 558 -4.88 32.47 24.08
N CYS A 559 -5.40 32.13 22.91
CA CYS A 559 -4.74 32.53 21.67
C CYS A 559 -5.42 33.74 21.03
N LYS A 560 -6.20 34.47 21.83
CA LYS A 560 -6.89 35.64 21.32
C LYS A 560 -6.76 36.76 22.35
N ALA A 561 -5.77 36.65 23.23
CA ALA A 561 -5.56 37.66 24.27
C ALA A 561 -4.09 38.06 24.47
N ASP A 562 -3.88 39.32 24.85
CA ASP A 562 -2.53 39.85 25.08
C ASP A 562 -1.78 39.03 26.11
N ASP A 563 -0.45 39.19 26.14
CA ASP A 563 0.40 38.45 27.07
C ASP A 563 0.04 36.97 27.07
N LYS A 564 -0.02 36.39 25.88
CA LYS A 564 -0.35 34.98 25.71
C LYS A 564 0.23 34.12 26.82
N GLU A 565 1.55 33.99 26.83
CA GLU A 565 2.25 33.18 27.82
C GLU A 565 1.62 33.23 29.20
N THR A 566 1.26 34.42 29.66
CA THR A 566 0.64 34.56 30.96
C THR A 566 -0.60 33.65 31.00
N CYS A 567 -1.52 33.90 30.07
CA CYS A 567 -2.76 33.14 29.96
C CYS A 567 -2.55 31.63 30.05
N PHE A 568 -1.86 31.06 29.08
CA PHE A 568 -1.61 29.62 29.06
C PHE A 568 -1.05 29.04 30.36
N ALA A 569 -0.35 29.86 31.14
CA ALA A 569 0.21 29.37 32.40
C ALA A 569 -0.79 29.59 33.53
N GLU A 570 -1.58 30.66 33.42
CA GLU A 570 -2.60 31.00 34.41
C GLU A 570 -3.76 30.03 34.32
N GLU A 571 -4.45 30.01 33.18
CA GLU A 571 -5.55 29.10 32.99
C GLU A 571 -5.02 27.67 33.04
N GLY A 572 -3.81 27.47 32.55
CA GLY A 572 -3.20 26.15 32.57
C GLY A 572 -3.34 25.50 33.93
N LYS A 573 -2.94 26.22 34.97
CA LYS A 573 -3.03 25.71 36.33
C LYS A 573 -4.49 25.34 36.58
N LYS A 574 -5.38 26.30 36.31
CA LYS A 574 -6.81 26.13 36.50
C LYS A 574 -7.36 24.89 35.80
N LEU A 575 -7.11 24.78 34.49
CA LEU A 575 -7.60 23.63 33.73
C LEU A 575 -7.17 22.32 34.38
N VAL A 576 -5.86 22.09 34.41
CA VAL A 576 -5.33 20.87 34.99
C VAL A 576 -5.96 20.60 36.34
N ALA A 577 -6.11 21.65 37.14
CA ALA A 577 -6.69 21.51 38.47
C ALA A 577 -8.15 21.05 38.41
N ALA A 578 -8.96 21.82 37.69
CA ALA A 578 -10.38 21.51 37.55
C ALA A 578 -10.58 20.13 36.94
N SER A 579 -9.89 19.89 35.83
CA SER A 579 -10.00 18.63 35.14
C SER A 579 -9.63 17.45 36.01
N GLN A 580 -8.56 17.57 36.79
CA GLN A 580 -8.17 16.45 37.63
C GLN A 580 -9.25 16.04 38.62
N ALA A 581 -9.95 17.02 39.17
CA ALA A 581 -11.01 16.76 40.14
C ALA A 581 -12.22 16.10 39.49
N ALA A 582 -12.58 16.58 38.31
CA ALA A 582 -13.71 16.03 37.58
C ALA A 582 -13.50 14.55 37.33
N LEU A 583 -12.25 14.19 37.06
CA LEU A 583 -11.91 12.80 36.76
C LEU A 583 -11.43 12.03 38.00
N GLY A 584 -11.91 12.42 39.18
CA GLY A 584 -11.53 11.74 40.40
C GLY A 584 -10.08 11.30 40.47
C1 MYR B . 8.30 14.87 0.04
O1 MYR B . 7.38 15.25 -0.69
O2 MYR B . 8.43 15.21 1.24
C2 MYR B . 9.33 13.92 -0.55
C3 MYR B . 10.55 14.71 -1.03
C4 MYR B . 10.28 14.97 -2.50
C5 MYR B . 10.28 16.47 -2.79
C6 MYR B . 10.65 16.75 -4.23
C7 MYR B . 9.46 16.57 -5.16
C8 MYR B . 9.91 16.31 -6.58
C9 MYR B . 10.08 14.83 -6.85
C10 MYR B . 10.31 14.54 -8.32
C11 MYR B . 10.86 13.14 -8.51
C12 MYR B . 9.94 12.30 -9.36
C13 MYR B . 10.20 10.81 -9.12
C14 MYR B . 9.11 10.21 -8.27
C1 MYR C . 5.46 -3.39 -17.99
O1 MYR C . 4.41 -3.19 -18.63
O2 MYR C . 5.50 -3.42 -16.73
C2 MYR C . 6.76 -3.61 -18.75
C3 MYR C . 7.17 -2.35 -19.52
C4 MYR C . 8.50 -2.72 -20.16
C5 MYR C . 9.66 -1.87 -19.62
C6 MYR C . 11.02 -2.48 -19.94
C7 MYR C . 12.11 -1.83 -19.09
C8 MYR C . 13.35 -2.71 -18.99
C9 MYR C . 14.51 -2.12 -19.76
C10 MYR C . 15.67 -1.78 -18.85
C11 MYR C . 16.90 -1.34 -19.65
C12 MYR C . 18.02 -2.37 -19.57
C13 MYR C . 19.37 -1.71 -19.32
C14 MYR C . 20.52 -2.61 -19.76
C1 MYR D . -12.44 -6.71 5.82
O1 MYR D . -12.05 -7.09 6.94
O2 MYR D . -13.10 -7.44 5.06
C2 MYR D . -12.09 -5.29 5.37
C3 MYR D . -13.26 -4.35 5.67
C4 MYR D . -12.88 -3.66 6.96
C5 MYR D . -14.08 -2.99 7.61
C6 MYR D . -13.65 -2.10 8.75
C7 MYR D . -14.42 -0.79 8.77
C8 MYR D . -13.58 0.38 8.24
C9 MYR D . -14.11 1.72 8.75
C10 MYR D . -13.18 2.89 8.38
C11 MYR D . -12.27 3.24 9.55
C1 MYR E . -12.43 -1.55 14.59
O1 MYR E . -13.09 -2.61 14.51
O2 MYR E . -12.05 -1.07 15.69
C2 MYR E . -12.09 -0.79 13.30
C3 MYR E . -11.20 -1.65 12.40
C4 MYR E . -9.85 -0.97 12.42
C5 MYR E . -8.79 -1.82 13.12
C6 MYR E . -7.60 -0.97 13.57
C7 MYR E . -7.27 -1.19 15.04
C8 MYR E . -5.85 -0.74 15.38
C9 MYR E . -5.53 -0.87 16.87
C10 MYR E . -4.65 0.28 17.38
C11 MYR E . -3.26 -0.21 17.81
C1 MYR F . -9.61 19.34 20.48
O1 MYR F . -10.50 20.02 21.06
O2 MYR F . -9.04 19.71 19.44
C2 MYR F . -9.19 18.00 21.08
C3 MYR F . -9.22 18.06 22.61
C4 MYR F . -7.76 17.98 23.02
C5 MYR F . -7.65 17.95 24.53
C6 MYR F . -6.47 17.13 25.01
C7 MYR F . -6.57 16.88 26.51
C8 MYR F . -5.90 17.97 27.29
C9 MYR F . -6.56 18.19 28.63
C10 MYR F . -5.55 18.07 29.76
C11 MYR F . -6.20 18.20 31.13
C12 MYR F . -6.28 16.86 31.83
C13 MYR F . -5.32 16.78 33.01
C14 MYR F . -5.75 15.67 33.97
C1 MYR G . -5.71 -18.69 4.17
O1 MYR G . -6.13 -19.51 5.03
O2 MYR G . -5.09 -17.64 4.48
C2 MYR G . -5.96 -18.99 2.69
C3 MYR G . -7.39 -18.62 2.28
C4 MYR G . -8.17 -19.94 2.32
C5 MYR G . -9.27 -19.96 1.28
C6 MYR G . -9.33 -21.30 0.58
C7 MYR G . -9.68 -21.15 -0.89
C8 MYR G . -8.51 -21.57 -1.75
C9 MYR G . -8.95 -21.95 -3.16
C10 MYR G . -7.73 -22.28 -4.04
C11 MYR G . -7.67 -21.37 -5.27
C12 MYR G . -6.77 -21.93 -6.37
C13 MYR G . -7.56 -22.64 -7.48
C14 MYR G . -7.47 -21.90 -8.80
N 9NE H . -4.58 -5.58 -9.63
CA 9NE H . -4.12 -5.09 -8.32
C 9NE H . -5.20 -5.14 -7.25
O 9NE H . -4.86 -5.60 -6.07
CB 9NE H . -3.52 -3.69 -8.52
CG 9NE H . -2.19 -3.73 -9.28
CD 9NE H . -0.94 -4.14 -8.46
OE1 9NE H . 0.03 -4.66 -9.07
OE2 9NE H . -0.94 -3.92 -7.23
OXT 9NE H . -6.34 -4.78 -7.45
S1 9NE H . -4.23 -7.15 -9.89
O2 9NE H . -3.07 -7.47 -9.10
O3 9NE H . -5.45 -7.85 -9.61
C1 9NE H . -3.84 -7.34 -11.64
C2 9NE H . -4.85 -7.68 -12.51
C3 9NE H . -4.64 -7.86 -13.90
C4 9NE H . -3.39 -7.69 -14.44
C5 9NE H . -2.23 -7.34 -13.60
C6 9NE H . -2.42 -7.15 -12.14
C7 9NE H . -1.26 -6.79 -11.36
C8 9NE H . -0.01 -6.65 -11.97
C9 9NE H . 0.18 -6.82 -13.39
C10 9NE H . -0.90 -7.17 -14.22
N1 9NE H . -0.78 -7.36 -15.67
C11 9NE H . -0.78 -6.05 -16.37
C12 9NE H . 0.48 -8.06 -16.09
N 9NE I . 8.27 8.49 2.68
CA 9NE I . 9.00 8.20 3.89
C 9NE I . 9.12 6.69 3.99
O 9NE I . 8.16 6.03 4.56
CB 9NE I . 8.23 8.87 5.06
CG 9NE I . 8.13 10.41 4.92
CD 9NE I . 9.47 11.17 5.00
OE1 9NE I . 9.70 12.09 4.17
OE2 9NE I . 10.29 10.84 5.91
OXT 9NE I . 10.08 6.13 3.49
S1 9NE I . 9.18 8.93 1.42
O2 9NE I . 8.98 10.34 1.33
O3 9NE I . 10.53 8.42 1.60
C1 9NE I . 8.50 8.04 0.00
C2 9NE I . 8.36 6.69 0.14
C3 9NE I . 7.86 5.86 -0.88
C4 9NE I . 7.48 6.39 -2.08
C5 9NE I . 7.59 7.83 -2.36
C6 9NE I . 8.11 8.74 -1.29
C7 9NE I . 8.19 10.15 -1.59
C8 9NE I . 7.79 10.63 -2.84
C9 9NE I . 7.30 9.77 -3.87
C10 9NE I . 7.17 8.38 -3.67
N1 9NE I . 6.67 7.47 -4.70
C11 9NE I . 5.65 8.09 -5.57
C12 9NE I . 7.73 6.95 -5.61
#